data_3RXW
#
_entry.id   3RXW
#
_cell.length_a   49.051
_cell.length_b   66.288
_cell.length_c   71.776
_cell.angle_alpha   90.00
_cell.angle_beta   90.00
_cell.angle_gamma   90.00
#
_symmetry.space_group_name_H-M   'P 21 21 21'
#
loop_
_entity.id
_entity.type
_entity.pdbx_description
1 polymer 'Carbepenem-hydrolyzing beta-lactamase KPC'
2 non-polymer '(2S,3R)-4-(2-amino-2-oxoethoxy)-3-(dihydroxy-lambda~4~-sulfanyl)-3-methyl-4-oxo-2-{[(1E)-3-oxoprop-1-en-1-yl]amino}butanoic acid'
3 non-polymer 'CITRIC ACID'
4 water water
#
_entity_poly.entity_id   1
_entity_poly.type   'polypeptide(L)'
_entity_poly.pdbx_seq_one_letter_code
;TNLVAEPFAKLEQDFGGSIGVYAMDTGSGATVSYRAEERFPLCSSFKGFLAAAVLARSQQQAGLLDTPIRYGKNALVPWS
PISEKYLTTGMTVAELSAAAVQYSDNAAANLLLKELGGPAGLTAFMRSIGDTTFRLDRWELELNSAIPGDARDTSSPRAV
TESLQKLTLGSALAAPQRQQFVDWLKGNTTGNHRIRAAVPADWAVGDKTGTCGVYGTANDYAVVWPTGRAPIVLAVYTRA
PNKDDKHSEAVIAAAARLALEGLG
;
_entity_poly.pdbx_strand_id   A
#
loop_
_chem_comp.id
_chem_comp.type
_chem_comp.name
_chem_comp.formula
CIT non-polymer 'CITRIC ACID' 'C6 H8 O7'
SR3 non-polymer '(2S,3R)-4-(2-amino-2-oxoethoxy)-3-(dihydroxy-lambda~4~-sulfanyl)-3-methyl-4-oxo-2-{[(1E)-3-oxoprop-1-en-1-yl]amino}butanoic acid' 'C10 H16 N2 O8 S'
#
# COMPACT_ATOMS: atom_id res chain seq x y z
N THR A 1 -17.22 13.23 -23.67
CA THR A 1 -16.21 12.15 -23.87
C THR A 1 -14.96 12.37 -23.01
N ASN A 2 -14.25 11.28 -22.71
CA ASN A 2 -13.03 11.37 -21.92
C ASN A 2 -11.87 10.74 -22.68
N LEU A 3 -11.13 11.57 -23.41
CA LEU A 3 -10.04 11.10 -24.25
C LEU A 3 -8.85 10.59 -23.44
N VAL A 4 -8.58 11.24 -22.31
CA VAL A 4 -7.51 10.82 -21.39
C VAL A 4 -7.71 9.39 -20.93
N ALA A 5 -8.98 9.02 -20.69
CA ALA A 5 -9.36 7.71 -20.18
C ALA A 5 -9.26 6.59 -21.19
N GLU A 6 -9.30 6.90 -22.49
CA GLU A 6 -9.41 5.83 -23.49
C GLU A 6 -8.33 4.73 -23.41
N PRO A 7 -7.04 5.10 -23.21
CA PRO A 7 -6.02 4.06 -23.11
C PRO A 7 -6.18 3.15 -21.88
N PHE A 8 -6.73 3.72 -20.79
CA PHE A 8 -7.02 2.94 -19.58
C PHE A 8 -8.14 1.94 -19.84
N ALA A 9 -9.18 2.39 -20.53
CA ALA A 9 -10.31 1.53 -20.87
C ALA A 9 -9.85 0.36 -21.76
N LYS A 10 -8.98 0.66 -22.72
CA LYS A 10 -8.45 -0.38 -23.60
C LYS A 10 -7.63 -1.36 -22.80
N LEU A 11 -6.78 -0.85 -21.91
CA LEU A 11 -5.97 -1.70 -21.07
C LEU A 11 -6.81 -2.66 -20.20
N GLU A 12 -7.86 -2.13 -19.56
CA GLU A 12 -8.63 -3.00 -18.63
C GLU A 12 -9.43 -4.02 -19.43
N GLN A 13 -9.90 -3.62 -20.61
CA GLN A 13 -10.63 -4.54 -21.47
C GLN A 13 -9.73 -5.70 -21.91
N ASP A 14 -8.50 -5.41 -22.29
CA ASP A 14 -7.54 -6.47 -22.62
C ASP A 14 -7.20 -7.34 -21.41
N PHE A 15 -7.15 -6.73 -20.22
CA PHE A 15 -6.87 -7.45 -18.98
C PHE A 15 -8.03 -8.36 -18.59
N GLY A 16 -9.24 -7.97 -18.96
CA GLY A 16 -10.43 -8.72 -18.58
C GLY A 16 -11.02 -8.35 -17.24
N GLY A 17 -10.81 -7.10 -16.82
CA GLY A 17 -11.34 -6.68 -15.52
C GLY A 17 -11.43 -5.18 -15.44
N SER A 18 -11.23 -4.67 -14.23
CA SER A 18 -11.30 -3.24 -13.94
C SER A 18 -9.98 -2.78 -13.37
N ILE A 19 -9.57 -1.60 -13.79
CA ILE A 19 -8.35 -0.96 -13.27
C ILE A 19 -8.75 0.39 -12.72
N GLY A 20 -8.20 0.71 -11.56
CA GLY A 20 -8.43 2.00 -10.92
C GLY A 20 -7.12 2.71 -10.70
N VAL A 21 -7.07 3.98 -11.10
CA VAL A 21 -5.83 4.76 -11.09
C VAL A 21 -6.13 6.14 -10.54
N TYR A 22 -5.27 6.61 -9.65
CA TYR A 22 -5.26 8.04 -9.32
C TYR A 22 -3.82 8.47 -9.13
N ALA A 23 -3.45 9.58 -9.75
CA ALA A 23 -2.06 10.10 -9.65
C ALA A 23 -2.16 11.59 -9.46
N MET A 24 -1.31 12.12 -8.58
CA MET A 24 -1.24 13.53 -8.23
CA MET A 24 -1.24 13.54 -8.33
C MET A 24 0.19 14.03 -8.39
N ASP A 25 0.36 15.11 -9.12
CA ASP A 25 1.63 15.84 -9.14
C ASP A 25 1.55 16.86 -8.02
N THR A 26 2.32 16.66 -6.96
CA THR A 26 2.22 17.56 -5.79
C THR A 26 2.77 18.97 -6.02
N GLY A 27 3.47 19.15 -7.13
CA GLY A 27 3.96 20.50 -7.50
C GLY A 27 2.87 21.36 -8.10
N SER A 28 2.16 20.80 -9.09
CA SER A 28 1.23 21.58 -9.91
C SER A 28 -0.22 21.37 -9.52
N GLY A 29 -0.49 20.27 -8.82
CA GLY A 29 -1.84 19.85 -8.51
C GLY A 29 -2.51 19.07 -9.64
N ALA A 30 -1.79 18.84 -10.73
CA ALA A 30 -2.34 18.06 -11.85
C ALA A 30 -2.66 16.64 -11.40
N THR A 31 -3.72 16.07 -11.96
CA THR A 31 -4.10 14.70 -11.62
C THR A 31 -4.43 13.89 -12.85
N VAL A 32 -4.36 12.57 -12.71
CA VAL A 32 -4.87 11.60 -13.68
C VAL A 32 -5.79 10.67 -12.89
N SER A 33 -6.99 10.41 -13.41
CA SER A 33 -8.03 9.70 -12.70
CA SER A 33 -8.03 9.66 -12.70
C SER A 33 -8.73 8.68 -13.61
N TYR A 34 -8.79 7.42 -13.20
CA TYR A 34 -9.56 6.42 -13.94
C TYR A 34 -10.19 5.46 -12.96
N ARG A 35 -11.53 5.46 -12.88
CA ARG A 35 -12.23 4.71 -11.81
C ARG A 35 -11.65 5.05 -10.44
N ALA A 36 -11.28 6.31 -10.24
CA ALA A 36 -10.45 6.67 -9.09
C ALA A 36 -11.18 6.55 -7.79
N GLU A 37 -12.50 6.62 -7.82
CA GLU A 37 -13.30 6.61 -6.59
C GLU A 37 -14.02 5.27 -6.40
N GLU A 38 -13.78 4.30 -7.26
CA GLU A 38 -14.32 2.96 -7.04
C GLU A 38 -13.52 2.21 -5.96
N ARG A 39 -14.18 1.31 -5.27
CA ARG A 39 -13.52 0.49 -4.27
C ARG A 39 -12.83 -0.70 -4.90
N PHE A 40 -11.65 -0.99 -4.38
CA PHE A 40 -10.87 -2.16 -4.74
C PHE A 40 -10.34 -2.76 -3.44
N PRO A 41 -10.14 -4.09 -3.39
CA PRO A 41 -9.53 -4.68 -2.21
C PRO A 41 -8.14 -4.13 -1.97
N LEU A 42 -7.83 -3.85 -0.71
CA LEU A 42 -6.50 -3.42 -0.33
C LEU A 42 -5.48 -4.52 -0.46
N CYS A 43 -5.88 -5.75 -0.16
CA CYS A 43 -4.93 -6.85 -0.07
C CYS A 43 -3.80 -6.44 0.88
N SER A 44 -2.58 -6.89 0.62
CA SER A 44 -1.44 -6.58 1.50
C SER A 44 -1.05 -5.10 1.50
N SER A 45 -1.64 -4.29 0.62
CA SER A 45 -1.24 -2.89 0.60
C SER A 45 -1.63 -2.16 1.89
N PHE A 46 -2.52 -2.75 2.68
CA PHE A 46 -2.85 -2.14 3.98
C PHE A 46 -1.63 -2.05 4.88
N LYS A 47 -0.62 -2.89 4.65
CA LYS A 47 0.53 -2.96 5.58
C LYS A 47 1.35 -1.67 5.57
N GLY A 48 1.35 -0.91 4.48
CA GLY A 48 2.01 0.37 4.50
C GLY A 48 1.33 1.33 5.45
N PHE A 49 0.01 1.45 5.38
CA PHE A 49 -0.74 2.30 6.30
C PHE A 49 -0.62 1.80 7.73
N LEU A 50 -0.55 0.48 7.90
CA LEU A 50 -0.30 -0.09 9.22
C LEU A 50 0.98 0.46 9.83
N ALA A 51 2.07 0.44 9.06
CA ALA A 51 3.34 0.93 9.53
C ALA A 51 3.27 2.40 9.88
N ALA A 52 2.56 3.19 9.06
CA ALA A 52 2.36 4.60 9.38
C ALA A 52 1.61 4.80 10.69
N ALA A 53 0.59 3.99 10.95
CA ALA A 53 -0.18 4.09 12.19
C ALA A 53 0.70 3.76 13.40
N VAL A 54 1.57 2.77 13.25
CA VAL A 54 2.52 2.42 14.29
C VAL A 54 3.48 3.59 14.52
N LEU A 55 4.00 4.18 13.44
CA LEU A 55 4.85 5.36 13.59
C LEU A 55 4.14 6.48 14.34
N ALA A 56 2.86 6.72 14.03
CA ALA A 56 2.11 7.77 14.72
C ALA A 56 2.06 7.46 16.21
N ARG A 57 1.75 6.22 16.57
CA ARG A 57 1.73 5.83 17.98
C ARG A 57 3.10 6.01 18.64
N SER A 58 4.17 5.77 17.89
CA SER A 58 5.54 5.82 18.42
C SER A 58 5.96 7.23 18.80
N GLN A 59 5.26 8.23 18.27
CA GLN A 59 5.48 9.63 18.65
C GLN A 59 5.10 9.92 20.11
N GLN A 60 4.12 9.22 20.64
CA GLN A 60 3.64 9.48 22.00
C GLN A 60 4.05 8.43 23.03
N GLN A 61 4.78 7.42 22.58
CA GLN A 61 5.19 6.32 23.44
C GLN A 61 6.69 6.14 23.30
N ALA A 62 7.43 6.65 24.28
CA ALA A 62 8.88 6.71 24.19
C ALA A 62 9.49 5.32 24.08
N GLY A 63 10.32 5.15 23.05
CA GLY A 63 11.00 3.89 22.83
C GLY A 63 10.12 2.79 22.25
N LEU A 64 8.89 3.10 21.84
CA LEU A 64 8.05 2.07 21.23
C LEU A 64 8.74 1.41 20.05
N LEU A 65 9.26 2.20 19.12
CA LEU A 65 9.84 1.60 17.91
C LEU A 65 11.03 0.70 18.23
N ASP A 66 11.71 1.00 19.34
CA ASP A 66 12.90 0.25 19.76
C ASP A 66 12.58 -0.97 20.59
N THR A 67 11.30 -1.18 20.90
CA THR A 67 10.90 -2.25 21.83
C THR A 67 11.01 -3.62 21.18
N PRO A 68 11.76 -4.55 21.78
CA PRO A 68 11.78 -5.93 21.25
C PRO A 68 10.50 -6.68 21.53
N ILE A 69 9.99 -7.38 20.52
CA ILE A 69 8.82 -8.23 20.65
C ILE A 69 9.29 -9.68 20.52
N ARG A 70 9.16 -10.43 21.60
CA ARG A 70 9.60 -11.83 21.64
C ARG A 70 8.41 -12.74 21.40
N TYR A 71 8.01 -12.84 20.14
CA TYR A 71 6.84 -13.63 19.74
C TYR A 71 7.19 -15.12 19.66
N GLY A 72 6.17 -15.97 19.71
CA GLY A 72 6.37 -17.42 19.54
C GLY A 72 5.91 -17.95 18.19
N LYS A 73 6.06 -19.24 17.98
CA LYS A 73 5.59 -19.92 16.77
C LYS A 73 4.12 -19.70 16.48
N ASN A 74 3.30 -19.55 17.52
CA ASN A 74 1.88 -19.35 17.33
C ASN A 74 1.54 -18.05 16.58
N ALA A 75 2.48 -17.10 16.56
CA ALA A 75 2.34 -15.85 15.80
C ALA A 75 2.63 -16.02 14.32
N LEU A 76 3.34 -17.09 13.96
CA LEU A 76 3.71 -17.27 12.56
C LEU A 76 2.55 -17.76 11.72
N VAL A 77 2.49 -17.28 10.48
CA VAL A 77 1.51 -17.72 9.50
C VAL A 77 2.24 -17.76 8.14
N PRO A 78 1.62 -18.36 7.13
CA PRO A 78 2.31 -18.45 5.85
C PRO A 78 2.76 -17.07 5.34
N TRP A 79 3.89 -17.08 4.65
CA TRP A 79 4.52 -15.87 4.09
CA TRP A 79 4.47 -15.87 4.08
C TRP A 79 4.90 -14.89 5.20
N SER A 80 5.72 -15.39 6.11
CA SER A 80 6.29 -14.59 7.20
C SER A 80 7.80 -14.81 7.20
N PRO A 81 8.48 -14.50 6.08
CA PRO A 81 9.87 -14.93 5.94
C PRO A 81 10.79 -14.24 6.93
N ILE A 82 10.52 -12.98 7.28
CA ILE A 82 11.39 -12.28 8.21
C ILE A 82 11.11 -12.72 9.63
N SER A 83 9.83 -12.80 10.00
CA SER A 83 9.42 -13.26 11.33
CA SER A 83 9.53 -13.21 11.36
C SER A 83 9.93 -14.66 11.64
N GLU A 84 9.87 -15.56 10.64
CA GLU A 84 10.41 -16.92 10.86
C GLU A 84 11.92 -16.86 11.08
N LYS A 85 12.61 -16.05 10.28
CA LYS A 85 14.07 -15.93 10.37
C LYS A 85 14.50 -15.46 11.75
N TYR A 86 13.75 -14.51 12.32
CA TYR A 86 14.13 -13.93 13.59
C TYR A 86 13.37 -14.51 14.77
N LEU A 87 12.66 -15.62 14.55
CA LEU A 87 11.88 -16.26 15.63
C LEU A 87 12.70 -16.49 16.88
N THR A 88 13.91 -17.02 16.71
CA THR A 88 14.76 -17.39 17.84
CA THR A 88 14.76 -17.39 17.84
C THR A 88 15.46 -16.15 18.41
N THR A 89 15.32 -15.02 17.71
CA THR A 89 15.94 -13.75 18.08
C THR A 89 14.98 -12.72 18.70
N GLY A 90 13.74 -12.64 18.18
CA GLY A 90 12.83 -11.52 18.46
C GLY A 90 13.08 -10.38 17.49
N MET A 91 12.12 -9.45 17.38
CA MET A 91 12.26 -8.28 16.51
C MET A 91 11.74 -7.05 17.18
N THR A 92 12.37 -5.90 16.92
CA THR A 92 11.80 -4.64 17.45
C THR A 92 10.55 -4.25 16.67
N VAL A 93 9.75 -3.35 17.23
CA VAL A 93 8.59 -2.83 16.54
C VAL A 93 9.00 -2.21 15.20
N ALA A 94 10.12 -1.49 15.15
CA ALA A 94 10.60 -0.96 13.87
C ALA A 94 10.91 -2.06 12.86
N GLU A 95 11.59 -3.12 13.31
CA GLU A 95 11.93 -4.22 12.42
C GLU A 95 10.67 -4.93 11.94
N LEU A 96 9.67 -5.10 12.81
CA LEU A 96 8.38 -5.68 12.38
C LEU A 96 7.70 -4.82 11.34
N SER A 97 7.75 -3.50 11.54
CA SER A 97 7.15 -2.56 10.60
C SER A 97 7.84 -2.62 9.25
N ALA A 98 9.17 -2.60 9.25
CA ALA A 98 9.91 -2.72 8.00
C ALA A 98 9.63 -4.06 7.31
N ALA A 99 9.52 -5.15 8.07
CA ALA A 99 9.23 -6.45 7.47
C ALA A 99 7.86 -6.48 6.83
N ALA A 100 6.87 -5.89 7.52
CA ALA A 100 5.52 -5.82 6.99
C ALA A 100 5.48 -5.02 5.68
N VAL A 101 6.23 -3.93 5.62
CA VAL A 101 6.23 -3.09 4.43
C VAL A 101 7.06 -3.70 3.31
N GLN A 102 8.26 -4.19 3.62
CA GLN A 102 9.26 -4.48 2.58
C GLN A 102 9.24 -5.89 2.09
N TYR A 103 8.67 -6.79 2.90
CA TYR A 103 8.57 -8.21 2.56
C TYR A 103 7.13 -8.70 2.68
N SER A 104 6.20 -7.80 3.00
CA SER A 104 4.79 -8.14 3.18
CA SER A 104 4.79 -8.17 3.14
C SER A 104 4.62 -9.23 4.23
N ASP A 105 5.47 -9.22 5.25
CA ASP A 105 5.51 -10.30 6.25
C ASP A 105 4.20 -10.34 7.03
N ASN A 106 3.53 -11.50 6.99
CA ASN A 106 2.18 -11.61 7.55
C ASN A 106 2.14 -11.66 9.07
N ALA A 107 3.05 -12.41 9.68
CA ALA A 107 3.09 -12.49 11.13
C ALA A 107 3.40 -11.10 11.70
N ALA A 108 4.33 -10.39 11.06
CA ALA A 108 4.67 -9.03 11.50
C ALA A 108 3.45 -8.12 11.43
N ALA A 109 2.71 -8.20 10.33
CA ALA A 109 1.52 -7.38 10.17
C ALA A 109 0.49 -7.68 11.25
N ASN A 110 0.24 -8.95 11.53
CA ASN A 110 -0.73 -9.28 12.58
C ASN A 110 -0.27 -8.84 13.98
N LEU A 111 1.02 -8.96 14.27
CA LEU A 111 1.54 -8.49 15.56
C LEU A 111 1.32 -7.00 15.71
N LEU A 112 1.57 -6.25 14.65
CA LEU A 112 1.37 -4.80 14.70
C LEU A 112 -0.09 -4.42 14.76
N LEU A 113 -0.94 -5.13 14.02
CA LEU A 113 -2.36 -4.92 14.14
C LEU A 113 -2.83 -5.08 15.59
N LYS A 114 -2.33 -6.11 16.27
CA LYS A 114 -2.68 -6.36 17.66
C LYS A 114 -2.33 -5.13 18.51
N GLU A 115 -1.16 -4.57 18.26
CA GLU A 115 -0.69 -3.40 19.01
CA GLU A 115 -0.67 -3.40 19.00
C GLU A 115 -1.62 -2.20 18.83
N LEU A 116 -2.25 -2.10 17.67
CA LEU A 116 -3.10 -0.95 17.34
C LEU A 116 -4.56 -1.13 17.71
N GLY A 117 -4.94 -2.30 18.23
CA GLY A 117 -6.35 -2.58 18.48
C GLY A 117 -7.05 -3.16 17.27
N GLY A 118 -6.31 -3.90 16.46
CA GLY A 118 -6.89 -4.65 15.36
C GLY A 118 -7.24 -3.81 14.14
N PRO A 119 -7.91 -4.45 13.17
CA PRO A 119 -8.36 -3.74 11.98
C PRO A 119 -9.15 -2.47 12.28
N ALA A 120 -9.97 -2.50 13.33
CA ALA A 120 -10.71 -1.31 13.71
C ALA A 120 -9.82 -0.16 14.17
N GLY A 121 -8.74 -0.49 14.87
CA GLY A 121 -7.76 0.49 15.26
C GLY A 121 -7.03 1.14 14.09
N LEU A 122 -6.64 0.33 13.10
CA LEU A 122 -6.04 0.91 11.90
C LEU A 122 -7.04 1.80 11.15
N THR A 123 -8.29 1.35 11.05
CA THR A 123 -9.32 2.15 10.41
C THR A 123 -9.51 3.50 11.14
N ALA A 124 -9.50 3.45 12.47
CA ALA A 124 -9.62 4.67 13.27
C ALA A 124 -8.47 5.63 12.98
N PHE A 125 -7.27 5.09 12.84
CA PHE A 125 -6.14 5.94 12.49
C PHE A 125 -6.37 6.63 11.14
N MET A 126 -6.82 5.87 10.15
CA MET A 126 -7.09 6.44 8.83
C MET A 126 -8.17 7.53 8.89
N ARG A 127 -9.22 7.28 9.66
CA ARG A 127 -10.23 8.33 9.87
C ARG A 127 -9.61 9.59 10.48
N SER A 128 -8.67 9.40 11.41
CA SER A 128 -8.04 10.54 12.09
C SER A 128 -7.23 11.46 11.17
N ILE A 129 -6.78 10.96 10.02
CA ILE A 129 -6.06 11.78 9.05
C ILE A 129 -6.99 12.27 7.96
N GLY A 130 -8.28 11.98 8.08
CA GLY A 130 -9.29 12.49 7.13
C GLY A 130 -9.69 11.55 6.02
N ASP A 131 -9.31 10.28 6.13
CA ASP A 131 -9.66 9.27 5.12
C ASP A 131 -10.95 8.60 5.58
N THR A 132 -12.03 8.86 4.86
CA THR A 132 -13.35 8.31 5.20
C THR A 132 -13.69 7.10 4.34
N THR A 133 -12.78 6.69 3.46
CA THR A 133 -13.02 5.62 2.50
C THR A 133 -12.42 4.29 2.99
N PHE A 134 -11.17 4.35 3.45
CA PHE A 134 -10.45 3.17 3.88
C PHE A 134 -11.22 2.38 4.92
N ARG A 135 -11.28 1.07 4.76
CA ARG A 135 -11.73 0.21 5.84
C ARG A 135 -10.95 -1.09 5.86
N LEU A 136 -10.44 -1.44 7.04
CA LEU A 136 -9.90 -2.78 7.28
C LEU A 136 -10.81 -3.44 8.29
N ASP A 137 -11.20 -4.67 7.98
CA ASP A 137 -12.22 -5.40 8.72
C ASP A 137 -11.72 -6.72 9.28
N ARG A 138 -10.71 -7.29 8.62
CA ARG A 138 -10.20 -8.64 8.96
C ARG A 138 -8.68 -8.62 9.07
N TRP A 139 -8.12 -9.73 9.55
CA TRP A 139 -6.68 -9.90 9.76
C TRP A 139 -6.08 -10.72 8.60
N GLU A 140 -4.75 -10.85 8.58
CA GLU A 140 -4.10 -11.82 7.68
C GLU A 140 -4.43 -13.24 8.20
N LEU A 141 -4.84 -14.18 7.35
CA LEU A 141 -4.89 -14.09 5.87
C LEU A 141 -6.27 -13.77 5.30
N GLU A 142 -7.30 -13.77 6.17
CA GLU A 142 -8.69 -13.67 5.72
C GLU A 142 -9.03 -12.41 4.90
N LEU A 143 -8.31 -11.31 5.12
CA LEU A 143 -8.62 -10.05 4.47
C LEU A 143 -8.37 -10.04 2.96
N ASN A 144 -7.81 -11.13 2.45
CA ASN A 144 -7.44 -11.21 1.04
C ASN A 144 -8.46 -11.90 0.13
N SER A 145 -9.68 -12.08 0.60
CA SER A 145 -10.67 -12.83 -0.17
C SER A 145 -11.14 -12.14 -1.45
N ALA A 146 -11.18 -10.80 -1.46
CA ALA A 146 -11.39 -10.03 -2.71
C ALA A 146 -12.69 -10.40 -3.43
N ILE A 147 -13.74 -10.70 -2.68
CA ILE A 147 -15.00 -11.12 -3.29
C ILE A 147 -15.64 -9.93 -3.99
N PRO A 148 -16.05 -10.06 -5.27
CA PRO A 148 -16.65 -8.92 -5.95
C PRO A 148 -17.85 -8.39 -5.19
N GLY A 149 -17.94 -7.07 -5.07
CA GLY A 149 -19.04 -6.45 -4.33
C GLY A 149 -18.95 -6.43 -2.81
N ASP A 150 -17.93 -7.06 -2.25
CA ASP A 150 -17.72 -7.03 -0.80
C ASP A 150 -16.88 -5.79 -0.44
N ALA A 151 -17.42 -4.92 0.40
CA ALA A 151 -16.70 -3.69 0.77
C ALA A 151 -15.65 -3.91 1.88
N ARG A 152 -15.61 -5.09 2.49
CA ARG A 152 -14.63 -5.30 3.55
C ARG A 152 -13.22 -5.16 3.00
N ASP A 153 -12.35 -4.55 3.78
CA ASP A 153 -10.92 -4.50 3.43
C ASP A 153 -10.69 -3.85 2.08
N THR A 154 -11.34 -2.71 1.84
CA THR A 154 -11.22 -1.99 0.58
C THR A 154 -10.90 -0.53 0.81
N SER A 155 -10.38 0.10 -0.24
CA SER A 155 -10.37 1.57 -0.33
C SER A 155 -10.48 1.94 -1.80
N SER A 156 -10.32 3.21 -2.13
CA SER A 156 -10.29 3.66 -3.52
C SER A 156 -8.89 4.15 -3.89
N PRO A 157 -8.55 4.13 -5.18
CA PRO A 157 -7.23 4.66 -5.58
C PRO A 157 -7.06 6.11 -5.13
N ARG A 158 -8.11 6.94 -5.23
CA ARG A 158 -8.00 8.33 -4.82
C ARG A 158 -7.74 8.45 -3.32
N ALA A 159 -8.49 7.72 -2.49
CA ALA A 159 -8.28 7.83 -1.06
C ALA A 159 -6.91 7.30 -0.64
N VAL A 160 -6.47 6.22 -1.28
CA VAL A 160 -5.14 5.68 -1.02
C VAL A 160 -4.07 6.73 -1.33
N THR A 161 -4.16 7.37 -2.48
CA THR A 161 -3.19 8.39 -2.87
C THR A 161 -3.24 9.60 -1.93
N GLU A 162 -4.43 10.05 -1.58
CA GLU A 162 -4.57 11.19 -0.67
C GLU A 162 -3.98 10.90 0.69
N SER A 163 -4.24 9.71 1.22
CA SER A 163 -3.68 9.34 2.51
C SER A 163 -2.18 9.16 2.43
N LEU A 164 -1.70 8.54 1.36
CA LEU A 164 -0.27 8.35 1.19
C LEU A 164 0.44 9.70 1.15
N GLN A 165 -0.12 10.66 0.44
CA GLN A 165 0.44 12.00 0.39
CA GLN A 165 0.46 11.99 0.39
C GLN A 165 0.53 12.63 1.78
N LYS A 166 -0.55 12.56 2.54
CA LYS A 166 -0.56 13.17 3.87
C LYS A 166 0.53 12.57 4.76
N LEU A 167 0.74 11.26 4.66
CA LEU A 167 1.65 10.54 5.53
C LEU A 167 3.11 10.67 5.10
N THR A 168 3.38 10.70 3.81
CA THR A 168 4.77 10.72 3.31
C THR A 168 5.29 12.11 3.03
N LEU A 169 4.39 13.05 2.75
CA LEU A 169 4.81 14.39 2.30
C LEU A 169 4.19 15.49 3.12
N GLY A 170 3.03 15.23 3.70
CA GLY A 170 2.31 16.22 4.49
C GLY A 170 2.66 16.17 5.96
N SER A 171 1.71 16.60 6.78
CA SER A 171 1.98 16.79 8.21
C SER A 171 1.27 15.77 9.11
N ALA A 172 0.74 14.68 8.55
CA ALA A 172 0.04 13.70 9.36
C ALA A 172 0.98 13.03 10.39
N LEU A 173 2.26 12.85 10.04
CA LEU A 173 3.26 12.31 10.96
C LEU A 173 4.27 13.42 11.28
N ALA A 174 4.87 13.36 12.45
CA ALA A 174 6.02 14.25 12.76
C ALA A 174 7.14 13.92 11.79
N ALA A 175 8.00 14.90 11.52
CA ALA A 175 9.00 14.74 10.46
C ALA A 175 9.89 13.48 10.56
N PRO A 176 10.42 13.14 11.74
CA PRO A 176 11.28 11.94 11.77
C PRO A 176 10.50 10.66 11.44
N GLN A 177 9.23 10.66 11.79
CA GLN A 177 8.35 9.51 11.50
C GLN A 177 7.94 9.47 10.03
N ARG A 178 7.61 10.63 9.46
CA ARG A 178 7.38 10.73 8.03
C ARG A 178 8.57 10.15 7.27
N GLN A 179 9.79 10.54 7.66
CA GLN A 179 10.99 10.09 6.96
C GLN A 179 11.18 8.59 7.10
N GLN A 180 10.91 8.04 8.30
CA GLN A 180 11.01 6.59 8.45
C GLN A 180 10.03 5.84 7.55
N PHE A 181 8.82 6.37 7.43
CA PHE A 181 7.84 5.73 6.56
C PHE A 181 8.32 5.73 5.12
N VAL A 182 8.80 6.88 4.65
CA VAL A 182 9.39 6.99 3.32
C VAL A 182 10.55 6.01 3.13
N ASP A 183 11.45 5.96 4.10
CA ASP A 183 12.59 5.04 3.97
C ASP A 183 12.16 3.57 3.89
N TRP A 184 11.15 3.18 4.68
CA TRP A 184 10.63 1.82 4.57
C TRP A 184 10.07 1.53 3.18
N LEU A 185 9.23 2.44 2.69
CA LEU A 185 8.66 2.30 1.34
C LEU A 185 9.75 2.22 0.26
N LYS A 186 10.79 3.05 0.39
CA LYS A 186 11.88 3.06 -0.59
C LYS A 186 12.63 1.74 -0.63
N GLY A 187 12.70 1.05 0.50
CA GLY A 187 13.36 -0.24 0.60
C GLY A 187 12.47 -1.44 0.29
N ASN A 188 11.24 -1.22 -0.19
CA ASN A 188 10.39 -2.34 -0.53
C ASN A 188 11.07 -3.28 -1.54
N THR A 189 10.89 -4.59 -1.36
CA THR A 189 11.49 -5.58 -2.25
C THR A 189 10.49 -6.23 -3.20
N THR A 190 9.19 -5.99 -3.02
CA THR A 190 8.17 -6.77 -3.73
C THR A 190 7.58 -6.09 -4.97
N GLY A 191 8.02 -4.87 -5.27
CA GLY A 191 7.34 -4.06 -6.28
C GLY A 191 8.09 -3.78 -7.57
N ASN A 192 9.13 -4.59 -7.85
CA ASN A 192 10.01 -4.26 -8.99
C ASN A 192 9.30 -4.30 -10.33
N HIS A 193 8.21 -5.05 -10.42
CA HIS A 193 7.52 -5.25 -11.70
C HIS A 193 6.24 -4.42 -11.81
N ARG A 194 6.02 -3.51 -10.85
CA ARG A 194 4.79 -2.72 -10.84
C ARG A 194 5.09 -1.26 -11.11
N ILE A 195 4.74 -0.32 -10.23
CA ILE A 195 5.01 1.08 -10.50
C ILE A 195 6.50 1.34 -10.80
N ARG A 196 7.39 0.69 -10.07
CA ARG A 196 8.83 0.84 -10.32
C ARG A 196 9.23 0.54 -11.77
N ALA A 197 8.54 -0.38 -12.43
CA ALA A 197 8.86 -0.73 -13.82
C ALA A 197 8.42 0.35 -14.80
N ALA A 198 7.62 1.32 -14.34
CA ALA A 198 7.10 2.39 -15.18
C ALA A 198 7.87 3.68 -15.03
N VAL A 199 8.78 3.73 -14.06
CA VAL A 199 9.45 4.98 -13.68
C VAL A 199 10.85 5.04 -14.25
N PRO A 200 11.26 6.20 -14.80
CA PRO A 200 12.66 6.32 -15.25
C PRO A 200 13.63 5.85 -14.16
N ALA A 201 14.69 5.16 -14.57
CA ALA A 201 15.58 4.48 -13.65
C ALA A 201 16.24 5.38 -12.60
N ASP A 202 16.39 6.67 -12.93
CA ASP A 202 17.06 7.60 -12.04
C ASP A 202 16.15 8.25 -10.99
N TRP A 203 14.86 7.93 -11.05
CA TRP A 203 13.88 8.48 -10.11
C TRP A 203 13.71 7.57 -8.90
N ALA A 204 13.75 8.15 -7.71
CA ALA A 204 13.52 7.38 -6.48
C ALA A 204 12.04 7.02 -6.33
N VAL A 205 11.79 5.82 -5.81
CA VAL A 205 10.43 5.30 -5.62
C VAL A 205 10.31 4.62 -4.28
N GLY A 206 9.22 4.91 -3.57
CA GLY A 206 8.84 4.10 -2.42
C GLY A 206 7.47 3.54 -2.72
N ASP A 207 7.25 2.26 -2.46
CA ASP A 207 5.95 1.66 -2.82
C ASP A 207 5.56 0.58 -1.84
N LYS A 208 4.28 0.22 -1.87
CA LYS A 208 3.78 -0.99 -1.22
C LYS A 208 2.81 -1.70 -2.14
N THR A 209 3.03 -3.00 -2.34
CA THR A 209 2.19 -3.85 -3.18
C THR A 209 1.08 -4.54 -2.40
N GLY A 210 0.09 -5.03 -3.15
CA GLY A 210 -0.91 -5.95 -2.60
C GLY A 210 -1.23 -6.97 -3.67
N THR A 211 -1.42 -8.24 -3.27
CA THR A 211 -1.73 -9.26 -4.25
C THR A 211 -2.70 -10.28 -3.66
N CYS A 212 -3.98 -9.96 -3.66
CA CYS A 212 -4.98 -10.98 -3.28
C CYS A 212 -4.91 -12.18 -4.24
N GLY A 213 -4.64 -11.89 -5.50
CA GLY A 213 -4.48 -12.92 -6.53
C GLY A 213 -5.79 -13.43 -7.11
N VAL A 214 -6.66 -13.89 -6.23
CA VAL A 214 -8.00 -14.27 -6.66
C VAL A 214 -8.71 -13.07 -7.28
N TYR A 215 -9.68 -13.33 -8.14
CA TYR A 215 -10.45 -12.29 -8.79
C TYR A 215 -9.57 -11.25 -9.44
N GLY A 216 -8.47 -11.71 -10.02
CA GLY A 216 -7.55 -10.80 -10.72
C GLY A 216 -7.13 -9.56 -9.93
N THR A 217 -6.99 -9.71 -8.62
CA THR A 217 -6.91 -8.56 -7.72
C THR A 217 -5.50 -8.35 -7.23
N ALA A 218 -4.91 -7.22 -7.61
CA ALA A 218 -3.56 -6.84 -7.18
C ALA A 218 -3.42 -5.34 -7.32
N ASN A 219 -2.39 -4.78 -6.70
CA ASN A 219 -2.26 -3.34 -6.66
C ASN A 219 -0.86 -2.90 -6.26
N ASP A 220 -0.64 -1.59 -6.37
CA ASP A 220 0.59 -0.97 -5.89
C ASP A 220 0.27 0.51 -5.67
N TYR A 221 0.87 1.10 -4.64
CA TYR A 221 0.84 2.55 -4.53
C TYR A 221 2.26 3.03 -4.26
N ALA A 222 2.54 4.28 -4.63
CA ALA A 222 3.91 4.76 -4.56
C ALA A 222 3.98 6.26 -4.42
N VAL A 223 5.09 6.69 -3.82
CA VAL A 223 5.57 8.06 -3.99
C VAL A 223 6.79 7.97 -4.88
N VAL A 224 6.84 8.87 -5.86
CA VAL A 224 7.87 8.88 -6.89
C VAL A 224 8.51 10.28 -6.87
N TRP A 225 9.84 10.31 -6.79
CA TRP A 225 10.58 11.57 -6.80
C TRP A 225 11.29 11.73 -8.14
N PRO A 226 10.67 12.45 -9.09
CA PRO A 226 11.39 12.73 -10.33
C PRO A 226 12.55 13.67 -10.00
N THR A 227 13.73 13.40 -10.57
CA THR A 227 15.00 13.97 -10.04
C THR A 227 14.96 15.47 -9.67
N GLY A 228 14.51 16.30 -10.58
CA GLY A 228 14.46 17.73 -10.32
C GLY A 228 13.26 18.25 -9.56
N ARG A 229 12.15 17.50 -9.62
CA ARG A 229 10.84 18.06 -9.38
C ARG A 229 10.11 17.58 -8.12
N ALA A 230 8.94 18.20 -7.88
CA ALA A 230 8.08 17.82 -6.79
C ALA A 230 7.63 16.37 -6.93
N PRO A 231 7.45 15.67 -5.81
CA PRO A 231 7.04 14.27 -5.91
C PRO A 231 5.63 14.06 -6.48
N ILE A 232 5.48 12.86 -7.04
CA ILE A 232 4.21 12.35 -7.56
C ILE A 232 3.76 11.25 -6.59
N VAL A 233 2.45 11.22 -6.33
CA VAL A 233 1.87 10.13 -5.54
C VAL A 233 0.84 9.44 -6.41
N LEU A 234 0.84 8.11 -6.43
CA LEU A 234 -0.14 7.42 -7.27
C LEU A 234 -0.49 6.05 -6.72
N ALA A 235 -1.63 5.57 -7.18
CA ALA A 235 -2.18 4.27 -6.78
C ALA A 235 -2.78 3.62 -8.00
N VAL A 236 -2.51 2.32 -8.15
CA VAL A 236 -3.03 1.50 -9.24
C VAL A 236 -3.56 0.20 -8.65
N TYR A 237 -4.86 -0.04 -8.83
CA TYR A 237 -5.55 -1.21 -8.27
C TYR A 237 -6.28 -1.96 -9.37
N THR A 238 -6.37 -3.29 -9.27
CA THR A 238 -7.11 -4.07 -10.25
C THR A 238 -8.02 -5.07 -9.56
N ARG A 239 -9.03 -5.49 -10.32
CA ARG A 239 -9.88 -6.63 -9.93
C ARG A 239 -10.56 -7.15 -11.20
N ALA A 240 -11.18 -8.33 -11.09
CA ALA A 240 -11.78 -9.00 -12.23
C ALA A 240 -12.93 -9.85 -11.71
N PRO A 241 -13.86 -10.25 -12.61
CA PRO A 241 -15.11 -10.81 -12.11
C PRO A 241 -15.09 -12.28 -11.67
N ASN A 242 -14.12 -13.06 -12.13
CA ASN A 242 -14.14 -14.50 -11.84
C ASN A 242 -13.01 -14.90 -10.89
N LYS A 243 -13.26 -15.88 -10.02
CA LYS A 243 -12.32 -16.24 -8.95
C LYS A 243 -10.93 -16.58 -9.47
N ASP A 244 -10.88 -17.31 -10.58
CA ASP A 244 -9.62 -17.79 -11.12
C ASP A 244 -9.01 -16.87 -12.17
N ASP A 245 -9.56 -15.66 -12.35
CA ASP A 245 -8.91 -14.69 -13.22
C ASP A 245 -7.57 -14.29 -12.62
N LYS A 246 -6.56 -14.25 -13.45
CA LYS A 246 -5.21 -13.95 -12.97
C LYS A 246 -4.98 -12.45 -12.91
N HIS A 247 -4.28 -12.04 -11.85
CA HIS A 247 -3.79 -10.67 -11.77
C HIS A 247 -2.65 -10.51 -12.77
N SER A 248 -2.28 -9.27 -13.05
CA SER A 248 -1.18 -8.98 -13.97
C SER A 248 -0.33 -7.83 -13.44
N GLU A 249 0.94 -8.10 -13.21
CA GLU A 249 1.86 -7.03 -12.88
C GLU A 249 2.10 -6.10 -14.06
N ALA A 250 2.14 -6.66 -15.27
CA ALA A 250 2.38 -5.86 -16.45
C ALA A 250 1.28 -4.83 -16.64
N VAL A 251 0.05 -5.20 -16.36
CA VAL A 251 -1.06 -4.26 -16.46
C VAL A 251 -0.91 -3.11 -15.45
N ILE A 252 -0.45 -3.41 -14.24
CA ILE A 252 -0.23 -2.36 -13.24
C ILE A 252 0.88 -1.41 -13.72
N ALA A 253 1.98 -1.97 -14.22
CA ALA A 253 3.05 -1.13 -14.78
C ALA A 253 2.57 -0.27 -15.94
N ALA A 254 1.78 -0.87 -16.83
CA ALA A 254 1.30 -0.13 -18.00
C ALA A 254 0.38 1.02 -17.58
N ALA A 255 -0.50 0.78 -16.60
CA ALA A 255 -1.37 1.84 -16.09
C ALA A 255 -0.56 2.96 -15.44
N ALA A 256 0.47 2.59 -14.68
CA ALA A 256 1.35 3.58 -14.05
C ALA A 256 2.06 4.43 -15.12
N ARG A 257 2.50 3.80 -16.21
CA ARG A 257 3.12 4.56 -17.30
C ARG A 257 2.19 5.59 -17.90
N LEU A 258 0.96 5.17 -18.19
CA LEU A 258 -0.04 6.09 -18.67
C LEU A 258 -0.30 7.25 -17.71
N ALA A 259 -0.33 6.95 -16.41
CA ALA A 259 -0.54 8.01 -15.42
C ALA A 259 0.58 9.03 -15.44
N LEU A 260 1.82 8.57 -15.46
CA LEU A 260 2.96 9.49 -15.52
C LEU A 260 2.98 10.31 -16.81
N GLU A 261 2.61 9.67 -17.92
CA GLU A 261 2.50 10.35 -19.22
C GLU A 261 1.41 11.40 -19.20
N GLY A 262 0.29 11.11 -18.54
CA GLY A 262 -0.84 12.02 -18.53
C GLY A 262 -0.72 13.19 -17.58
N LEU A 263 0.25 13.14 -16.68
CA LEU A 263 0.41 14.21 -15.70
C LEU A 263 1.00 15.45 -16.32
N GLY A 264 0.45 16.59 -15.93
CA GLY A 264 1.18 17.85 -15.99
C GLY A 264 1.66 18.09 -14.57
C SR3 B . -1.89 -13.54 2.32
N SR3 B . -1.67 -13.26 -0.11
O SR3 B . -3.08 -13.91 2.30
CA SR3 B . -1.03 -13.85 1.08
CB SR3 B . -0.81 -15.36 0.82
CG SR3 B . -2.09 -16.10 0.31
CAA SR3 B . 0.33 -15.54 -0.20
NAB SR3 B . -5.82 -17.60 1.94
OAC SR3 B . -1.21 -9.03 -0.73
OAD SR3 B . -4.98 -17.73 -0.15
OAG SR3 B . 0.60 -15.37 3.14
OAH SR3 B . 0.43 -17.49 1.96
CAJ SR3 B . -0.97 -9.53 0.37
CAK SR3 B . -0.86 -11.01 0.56
CAL SR3 B . -1.64 -11.79 -0.18
CAM SR3 B . -4.32 -15.82 1.11
CAP SR3 B . -5.08 -17.15 0.94
SAT SR3 B . -0.31 -16.24 2.33
OD1 SR3 B . -2.03 -17.30 0.05
OD2 SR3 B . -3.30 -15.46 0.12
OXT SR3 B . -1.36 -12.87 3.22
C1 CIT C . 1.75 -12.31 -1.73
C1 CIT C . 1.33 -12.17 -1.93
O1 CIT C . 2.04 -12.54 -0.53
O1 CIT C . 2.05 -12.43 -0.92
O2 CIT C . 1.60 -13.29 -2.49
O2 CIT C . 0.53 -13.03 -2.37
C2 CIT C . 1.57 -10.88 -2.25
C2 CIT C . 1.45 -10.82 -2.59
C3 CIT C . 2.49 -9.90 -1.54
C3 CIT C . 2.92 -10.45 -2.55
O7 CIT C . 2.14 -9.96 -0.14
O7 CIT C . 3.34 -10.82 -1.22
C4 CIT C . 3.97 -10.21 -1.72
C4 CIT C . 3.74 -11.28 -3.55
C5 CIT C . 4.35 -10.38 -3.18
C5 CIT C . 4.04 -10.61 -4.88
O3 CIT C . 4.31 -11.52 -3.73
O3 CIT C . 3.18 -10.54 -5.79
O4 CIT C . 4.68 -9.40 -3.87
O4 CIT C . 5.17 -10.13 -5.09
C6 CIT C . 2.27 -8.44 -1.90
C6 CIT C . 3.16 -8.96 -2.71
O5 CIT C . 2.57 -7.53 -1.10
O5 CIT C . 3.99 -8.39 -1.95
O6 CIT C . 1.81 -8.06 -3.00
O6 CIT C . 2.54 -8.27 -3.56
#